data_2KY2
#
_entry.id   2KY2
#
_entity_poly.entity_id   1
_entity_poly.type   'polyribonucleotide'
_entity_poly.pdbx_seq_one_letter_code
;GGUAGGCCA
;
_entity_poly.pdbx_strand_id   A,B
#